data_4FQ1
#
_entry.id   4FQ1
#
_cell.length_a   56.753
_cell.length_b   74.672
_cell.length_c   114.917
_cell.angle_alpha   90.00
_cell.angle_beta   90.00
_cell.angle_gamma   90.00
#
_symmetry.space_group_name_H-M   'P 21 21 21'
#
loop_
_entity.id
_entity.type
_entity.pdbx_description
1 polymer 'Fab heavy chain'
2 polymer 'Fab light chain'
3 non-polymer 2-acetamido-2-deoxy-beta-D-glucopyranose
#
loop_
_entity_poly.entity_id
_entity_poly.type
_entity_poly.pdbx_seq_one_letter_code
_entity_poly.pdbx_strand_id
1 'polypeptide(L)'
;QMQLQESGPGLVKPSETLSLTCSVSGASISDSYWSWIRRSPGKGLEWIGYVHKSGDTNYSPSLKSRVNLSLDTSKNQVSL
SLVAATAADSGKYYCARTLHGRRIYGIVAFNEWFTYFYMDVWGNGTQVTVSSASTKGPSVFPLAPSSKSTSGGTAALGCL
VKDYFPEPVTVSWNSGALTSGVHTFPAVLQSSGLYSLSSVVTVPSSSLGTQTYICNVNHKPSNTKVDKRVEPKSCDKTHH
HHHH
;
H
2 'polypeptide(L)'
;SDISVAPGETARISCGEKSLGSRAVQWYQHRAGQAPSLIIYNNQDRPSGIPERFSGSPDSPFGTTATLTITSVEAGDEAD
YYCHIWDSRVPTKWVFGGGTTLTVLGQPKAAPSVTLFPPSSEELQANKATLVCLISDFYPGAVTVAWKADSSPVKAGVET
TTPSKQSNNKYAASSYLSLTPEQWKSHRSYSCQVTHEGSTVEKTVAPTECS
;
L
#
# COMPACT_ATOMS: atom_id res chain seq x y z
N GLN A 1 0.54 -19.85 -5.19
CA GLN A 1 -0.09 -20.59 -6.28
C GLN A 1 -1.16 -19.75 -6.97
N MET A 2 -2.07 -19.18 -6.18
CA MET A 2 -3.13 -18.33 -6.71
C MET A 2 -2.71 -16.86 -6.71
N GLN A 3 -2.96 -16.18 -7.82
CA GLN A 3 -2.59 -14.77 -7.94
C GLN A 3 -3.69 -13.94 -8.56
N LEU A 4 -3.99 -12.81 -7.93
CA LEU A 4 -5.08 -11.96 -8.36
C LEU A 4 -4.53 -10.59 -8.77
N GLN A 5 -4.66 -10.28 -10.04
CA GLN A 5 -4.19 -9.01 -10.58
C GLN A 5 -5.38 -8.16 -11.01
N GLU A 6 -5.73 -7.19 -10.19
CA GLU A 6 -6.83 -6.29 -10.50
C GLU A 6 -6.32 -5.05 -11.24
N SER A 7 -7.06 -4.66 -12.28
CA SER A 7 -6.64 -3.53 -13.11
C SER A 7 -7.82 -2.62 -13.42
N GLY A 8 -7.52 -1.34 -13.62
CA GLY A 8 -8.54 -0.34 -13.82
C GLY A 8 -7.97 0.88 -14.52
N PRO A 9 -8.78 1.93 -14.64
CA PRO A 9 -8.42 3.13 -15.42
C PRO A 9 -7.46 4.03 -14.65
N GLY A 10 -7.43 3.88 -13.33
CA GLY A 10 -6.62 4.76 -12.49
C GLY A 10 -6.92 6.25 -12.51
N LEU A 11 -7.99 6.62 -13.21
CA LEU A 11 -8.57 7.96 -13.16
C LEU A 11 -9.99 7.74 -13.65
N VAL A 12 -10.96 8.35 -12.97
CA VAL A 12 -12.33 8.46 -13.46
C VAL A 12 -12.95 9.83 -13.17
N LYS A 13 -13.68 10.36 -14.15
CA LYS A 13 -14.35 11.64 -13.96
C LYS A 13 -15.61 11.49 -13.13
N PRO A 14 -15.88 12.47 -12.25
CA PRO A 14 -17.10 12.45 -11.44
C PRO A 14 -18.21 12.02 -12.38
N SER A 15 -19.23 11.37 -11.84
CA SER A 15 -20.49 11.08 -12.52
C SER A 15 -20.28 10.20 -13.75
N GLU A 16 -19.10 9.62 -13.86
CA GLU A 16 -18.82 8.60 -14.87
C GLU A 16 -18.60 7.23 -14.22
N THR A 17 -18.54 6.20 -15.05
CA THR A 17 -18.53 4.83 -14.53
C THR A 17 -17.15 4.23 -14.33
N LEU A 18 -16.93 3.67 -13.15
CA LEU A 18 -15.69 2.99 -12.81
C LEU A 18 -15.78 1.54 -13.25
N SER A 19 -14.81 1.10 -14.04
CA SER A 19 -14.75 -0.30 -14.47
C SER A 19 -13.44 -0.95 -14.06
N LEU A 20 -13.52 -1.91 -13.14
CA LEU A 20 -12.36 -2.62 -12.64
C LEU A 20 -12.44 -4.09 -13.03
N THR A 21 -11.28 -4.70 -13.24
CA THR A 21 -11.23 -6.10 -13.61
C THR A 21 -10.20 -6.87 -12.79
N CYS A 22 -10.57 -8.06 -12.35
CA CYS A 22 -9.68 -8.90 -11.55
C CYS A 22 -9.29 -10.17 -12.32
N SER A 23 -8.02 -10.25 -12.72
CA SER A 23 -7.52 -11.41 -13.43
C SER A 23 -7.06 -12.50 -12.47
N VAL A 24 -7.54 -13.72 -12.71
CA VAL A 24 -7.28 -14.83 -11.81
C VAL A 24 -6.50 -15.96 -12.49
N SER A 25 -5.46 -16.43 -11.80
CA SER A 25 -4.68 -17.57 -12.26
C SER A 25 -4.27 -18.43 -11.07
N GLY A 26 -4.28 -19.75 -11.26
CA GLY A 26 -4.01 -20.67 -10.18
C GLY A 26 -5.28 -21.19 -9.54
N ALA A 27 -6.42 -20.77 -10.09
CA ALA A 27 -7.72 -21.02 -9.49
C ALA A 27 -8.83 -20.70 -10.49
N SER A 28 -9.87 -21.54 -10.49
CA SER A 28 -11.02 -21.30 -11.35
C SER A 28 -12.02 -20.39 -10.65
N ILE A 29 -12.50 -19.39 -11.38
CA ILE A 29 -13.46 -18.45 -10.82
C ILE A 29 -14.79 -19.14 -10.48
N SER A 30 -14.94 -20.38 -10.94
CA SER A 30 -16.19 -21.12 -10.74
C SER A 30 -16.26 -21.83 -9.39
N ASP A 31 -15.12 -21.94 -8.71
CA ASP A 31 -15.03 -22.72 -7.49
C ASP A 31 -15.41 -21.99 -6.20
N SER A 32 -15.79 -20.72 -6.30
CA SER A 32 -15.97 -19.90 -5.12
C SER A 32 -16.67 -18.57 -5.39
N TYR A 33 -16.94 -17.84 -4.32
CA TYR A 33 -17.40 -16.47 -4.40
C TYR A 33 -16.22 -15.54 -4.64
N TRP A 34 -16.50 -14.35 -5.13
CA TRP A 34 -15.48 -13.34 -5.35
C TRP A 34 -15.96 -11.99 -4.85
N SER A 35 -15.08 -11.27 -4.17
CA SER A 35 -15.46 -10.02 -3.55
C SER A 35 -14.56 -8.88 -3.99
N TRP A 36 -15.07 -7.66 -3.82
CA TRP A 36 -14.23 -6.47 -3.92
C TRP A 36 -14.32 -5.73 -2.61
N ILE A 37 -13.16 -5.28 -2.13
CA ILE A 37 -13.12 -4.46 -0.93
C ILE A 37 -12.41 -3.16 -1.32
N ARG A 38 -12.85 -2.04 -0.76
CA ARG A 38 -12.12 -0.79 -0.97
C ARG A 38 -11.62 -0.18 0.34
N ARG A 39 -10.32 0.11 0.39
CA ARG A 39 -9.73 0.83 1.50
C ARG A 39 -9.60 2.29 1.09
N SER A 40 -10.03 3.19 1.96
CA SER A 40 -9.91 4.61 1.69
C SER A 40 -8.58 5.12 2.24
N PRO A 41 -8.13 6.28 1.75
CA PRO A 41 -6.91 6.89 2.32
C PRO A 41 -7.06 6.95 3.85
N GLY A 42 -6.02 6.49 4.55
CA GLY A 42 -6.11 6.28 5.97
C GLY A 42 -6.43 4.81 6.19
N LYS A 43 -7.19 4.53 7.24
CA LYS A 43 -7.60 3.16 7.52
C LYS A 43 -9.08 2.89 7.28
N GLY A 44 -9.49 1.64 7.47
CA GLY A 44 -10.85 1.23 7.16
C GLY A 44 -10.86 0.26 6.00
N LEU A 45 -11.78 -0.69 6.04
CA LEU A 45 -12.01 -1.60 4.94
C LEU A 45 -13.51 -1.79 4.73
N GLU A 46 -13.96 -1.54 3.50
CA GLU A 46 -15.37 -1.66 3.15
C GLU A 46 -15.62 -2.73 2.09
N TRP A 47 -16.22 -3.83 2.54
CA TRP A 47 -16.74 -4.88 1.67
C TRP A 47 -17.78 -4.30 0.72
N ILE A 48 -17.52 -4.39 -0.57
CA ILE A 48 -18.37 -3.76 -1.59
C ILE A 48 -19.51 -4.65 -2.07
N GLY A 49 -19.21 -5.92 -2.27
CA GLY A 49 -20.19 -6.86 -2.79
C GLY A 49 -19.51 -8.18 -3.11
N TYR A 50 -20.31 -9.22 -3.29
CA TYR A 50 -19.79 -10.52 -3.67
C TYR A 50 -20.63 -11.15 -4.77
N VAL A 51 -19.97 -11.92 -5.64
CA VAL A 51 -20.65 -12.57 -6.76
C VAL A 51 -20.31 -14.05 -6.84
N HIS A 52 -21.20 -14.85 -7.43
CA HIS A 52 -20.99 -16.28 -7.61
C HIS A 52 -21.54 -16.76 -8.96
N LYS A 53 -20.99 -17.85 -9.48
CA LYS A 53 -21.41 -18.39 -10.77
C LYS A 53 -22.89 -18.79 -10.76
N SER A 54 -23.36 -19.26 -9.61
CA SER A 54 -24.76 -19.63 -9.44
C SER A 54 -25.63 -18.39 -9.31
N GLY A 55 -24.99 -17.25 -9.10
CA GLY A 55 -25.69 -15.97 -9.09
C GLY A 55 -26.21 -15.63 -7.71
N ASP A 56 -25.59 -16.19 -6.67
CA ASP A 56 -25.77 -15.70 -5.32
C ASP A 56 -24.93 -14.43 -5.19
N THR A 57 -25.57 -13.28 -5.34
CA THR A 57 -24.84 -12.02 -5.43
C THR A 57 -25.48 -10.92 -4.58
N ASN A 58 -24.68 -10.32 -3.69
CA ASN A 58 -25.17 -9.19 -2.90
C ASN A 58 -24.22 -8.00 -2.85
N TYR A 59 -24.75 -6.86 -2.39
CA TYR A 59 -24.01 -5.61 -2.39
C TYR A 59 -24.25 -4.79 -1.13
N SER A 60 -23.22 -4.07 -0.71
CA SER A 60 -23.35 -3.16 0.42
C SER A 60 -24.38 -2.09 0.08
N PRO A 61 -25.41 -1.96 0.92
CA PRO A 61 -26.50 -1.02 0.66
C PRO A 61 -26.01 0.43 0.70
N SER A 62 -24.83 0.65 1.29
CA SER A 62 -24.28 2.00 1.38
C SER A 62 -23.86 2.53 0.02
N LEU A 63 -23.60 1.62 -0.91
CA LEU A 63 -23.23 1.98 -2.27
C LEU A 63 -24.45 2.32 -3.13
N LYS A 64 -25.63 2.38 -2.50
CA LYS A 64 -26.83 2.87 -3.16
C LYS A 64 -27.06 2.29 -4.56
N SER A 65 -26.97 0.98 -4.68
CA SER A 65 -27.30 0.28 -5.92
C SER A 65 -26.51 0.77 -7.13
N ARG A 66 -25.26 1.16 -6.91
CA ARG A 66 -24.44 1.72 -7.99
C ARG A 66 -23.44 0.72 -8.55
N VAL A 67 -23.34 -0.44 -7.92
CA VAL A 67 -22.31 -1.41 -8.30
C VAL A 67 -22.86 -2.66 -8.98
N ASN A 68 -22.11 -3.19 -9.93
CA ASN A 68 -22.38 -4.51 -10.48
C ASN A 68 -21.13 -5.39 -10.51
N LEU A 69 -21.25 -6.60 -9.96
CA LEU A 69 -20.19 -7.58 -10.04
C LEU A 69 -20.58 -8.69 -11.03
N SER A 70 -19.68 -8.97 -11.96
CA SER A 70 -19.92 -10.04 -12.93
C SER A 70 -18.73 -10.98 -13.08
N LEU A 71 -18.97 -12.14 -13.69
CA LEU A 71 -17.91 -13.11 -13.97
C LEU A 71 -17.83 -13.44 -15.45
N ASP A 72 -16.61 -13.58 -15.96
CA ASP A 72 -16.39 -14.08 -17.31
C ASP A 72 -15.57 -15.37 -17.20
N THR A 73 -16.20 -16.50 -17.53
CA THR A 73 -15.56 -17.80 -17.36
C THR A 73 -14.43 -18.04 -18.37
N SER A 74 -14.61 -17.51 -19.58
CA SER A 74 -13.61 -17.69 -20.64
C SER A 74 -12.33 -16.90 -20.34
N LYS A 75 -12.47 -15.71 -19.79
CA LYS A 75 -11.30 -14.90 -19.45
C LYS A 75 -10.87 -15.10 -18.00
N ASN A 76 -11.61 -15.92 -17.28
CA ASN A 76 -11.35 -16.15 -15.84
C ASN A 76 -11.20 -14.84 -15.08
N GLN A 77 -12.15 -13.93 -15.30
CA GLN A 77 -12.09 -12.60 -14.70
C GLN A 77 -13.33 -12.28 -13.87
N VAL A 78 -13.16 -11.38 -12.91
CA VAL A 78 -14.31 -10.81 -12.20
C VAL A 78 -14.37 -9.31 -12.53
N SER A 79 -15.57 -8.77 -12.67
CA SER A 79 -15.72 -7.36 -13.02
C SER A 79 -16.45 -6.55 -11.97
N LEU A 80 -16.13 -5.27 -11.91
CA LEU A 80 -16.73 -4.36 -10.95
C LEU A 80 -17.12 -3.11 -11.73
N SER A 81 -18.40 -2.75 -11.70
CA SER A 81 -18.82 -1.48 -12.26
C SER A 81 -19.36 -0.60 -11.14
N LEU A 82 -18.93 0.66 -11.14
CA LEU A 82 -19.35 1.60 -10.13
C LEU A 82 -19.91 2.85 -10.82
N VAL A 83 -21.23 2.88 -10.97
CA VAL A 83 -21.91 3.96 -11.67
C VAL A 83 -21.88 5.26 -10.87
N ALA A 84 -21.79 6.38 -11.60
CA ALA A 84 -21.87 7.71 -10.99
C ALA A 84 -20.75 8.11 -10.03
N ALA A 85 -19.52 7.87 -10.44
CA ALA A 85 -18.35 8.05 -9.59
C ALA A 85 -18.37 9.37 -8.86
N THR A 86 -18.08 9.32 -7.57
CA THR A 86 -17.95 10.51 -6.75
C THR A 86 -16.61 10.46 -6.03
N ALA A 87 -16.20 11.59 -5.47
CA ALA A 87 -14.93 11.69 -4.77
C ALA A 87 -14.78 10.64 -3.67
N ALA A 88 -15.89 10.32 -3.00
CA ALA A 88 -15.87 9.37 -1.89
C ALA A 88 -15.66 7.94 -2.39
N ASP A 89 -15.56 7.78 -3.71
CA ASP A 89 -15.35 6.47 -4.31
C ASP A 89 -13.88 6.17 -4.55
N SER A 90 -13.01 7.17 -4.33
CA SER A 90 -11.57 6.98 -4.47
C SER A 90 -11.04 5.98 -3.44
N GLY A 91 -9.78 5.61 -3.57
CA GLY A 91 -9.17 4.62 -2.68
C GLY A 91 -8.58 3.44 -3.44
N LYS A 92 -8.07 2.46 -2.73
CA LYS A 92 -7.53 1.22 -3.29
C LYS A 92 -8.52 0.11 -3.29
N TYR A 93 -8.74 -0.49 -4.43
CA TYR A 93 -9.74 -1.55 -4.57
C TYR A 93 -9.13 -2.94 -4.65
N TYR A 94 -9.62 -3.81 -3.79
CA TYR A 94 -9.12 -5.17 -3.69
C TYR A 94 -10.06 -6.17 -4.31
N CYS A 95 -9.49 -7.13 -5.03
CA CYS A 95 -10.21 -8.30 -5.46
C CYS A 95 -9.80 -9.41 -4.50
N ALA A 96 -10.75 -10.25 -4.09
CA ALA A 96 -10.47 -11.27 -3.09
C ALA A 96 -11.33 -12.51 -3.26
N ARG A 97 -10.69 -13.66 -3.29
CA ARG A 97 -11.42 -14.93 -3.32
C ARG A 97 -12.16 -15.08 -1.99
N THR A 98 -13.47 -15.28 -2.08
CA THR A 98 -14.29 -15.37 -0.88
C THR A 98 -14.90 -16.75 -0.72
N LEU A 99 -14.77 -17.30 0.48
CA LEU A 99 -15.33 -18.59 0.83
C LEU A 99 -16.48 -18.41 1.81
N HIS A 100 -17.40 -19.37 1.82
CA HIS A 100 -18.55 -19.29 2.70
C HIS A 100 -18.53 -20.41 3.76
N GLY A 101 -19.16 -20.16 4.89
CA GLY A 101 -19.32 -21.15 5.94
C GLY A 101 -20.74 -21.13 6.45
N ARG A 102 -21.06 -21.99 7.42
CA ARG A 102 -22.39 -21.98 8.00
C ARG A 102 -22.41 -22.08 9.53
N ARG A 103 -22.94 -21.03 10.16
CA ARG A 103 -23.08 -20.97 11.60
C ARG A 103 -24.40 -21.64 11.95
N ILE A 104 -24.33 -22.86 12.47
CA ILE A 104 -25.54 -23.58 12.86
C ILE A 104 -25.64 -23.63 14.39
N TYR A 105 -26.42 -22.71 14.94
CA TYR A 105 -26.50 -22.54 16.39
C TYR A 105 -27.76 -23.17 16.99
N GLY A 106 -28.61 -23.73 16.15
CA GLY A 106 -29.82 -24.37 16.63
C GLY A 106 -30.29 -25.45 15.67
N ILE A 107 -31.61 -25.65 15.62
CA ILE A 107 -32.19 -26.66 14.73
C ILE A 107 -32.38 -26.11 13.32
N VAL A 108 -31.70 -26.73 12.36
CA VAL A 108 -31.75 -26.31 10.96
C VAL A 108 -33.17 -26.03 10.47
N ALA A 109 -34.09 -26.97 10.70
CA ALA A 109 -35.46 -26.86 10.20
C ALA A 109 -36.13 -25.58 10.68
N PHE A 110 -35.76 -25.13 11.88
CA PHE A 110 -36.30 -23.89 12.42
C PHE A 110 -35.45 -22.70 11.94
N ASN A 111 -34.67 -22.93 10.89
CA ASN A 111 -33.86 -21.90 10.27
C ASN A 111 -32.73 -21.30 11.11
N GLU A 112 -32.33 -22.03 12.15
CA GLU A 112 -31.42 -21.49 13.15
C GLU A 112 -29.98 -21.64 12.74
N TRP A 113 -29.62 -20.97 11.66
CA TRP A 113 -28.29 -21.01 11.10
C TRP A 113 -28.22 -19.90 10.07
N PHE A 114 -27.01 -19.43 9.79
CA PHE A 114 -26.84 -18.44 8.75
C PHE A 114 -25.54 -18.67 8.00
N THR A 115 -25.44 -18.08 6.81
CA THR A 115 -24.20 -18.15 6.05
C THR A 115 -23.34 -16.94 6.30
N TYR A 116 -22.07 -17.17 6.63
CA TYR A 116 -21.10 -16.10 6.76
C TYR A 116 -20.03 -16.25 5.69
N PHE A 117 -19.23 -15.20 5.51
CA PHE A 117 -18.20 -15.17 4.48
C PHE A 117 -16.86 -14.71 5.04
N TYR A 118 -15.79 -15.34 4.55
CA TYR A 118 -14.44 -14.88 4.84
C TYR A 118 -13.63 -14.80 3.55
N MET A 119 -12.69 -13.87 3.51
CA MET A 119 -11.89 -13.65 2.32
C MET A 119 -10.43 -14.04 2.58
N ASP A 120 -10.03 -15.20 2.04
CA ASP A 120 -8.73 -15.81 2.36
C ASP A 120 -7.57 -15.40 1.45
N VAL A 121 -7.86 -15.04 0.20
CA VAL A 121 -6.81 -14.60 -0.73
C VAL A 121 -7.14 -13.24 -1.35
N TRP A 122 -6.31 -12.25 -1.06
CA TRP A 122 -6.51 -10.88 -1.56
C TRP A 122 -5.45 -10.53 -2.58
N GLY A 123 -5.83 -9.73 -3.59
CA GLY A 123 -4.86 -9.18 -4.52
C GLY A 123 -4.18 -7.99 -3.87
N ASN A 124 -3.20 -7.40 -4.55
CA ASN A 124 -2.56 -6.21 -4.02
C ASN A 124 -3.37 -4.95 -4.28
N GLY A 125 -4.43 -5.10 -5.06
CA GLY A 125 -5.36 -4.02 -5.29
C GLY A 125 -4.86 -2.96 -6.25
N THR A 126 -5.79 -2.16 -6.74
CA THR A 126 -5.46 -1.13 -7.70
C THR A 126 -6.00 0.23 -7.25
N GLN A 127 -5.21 1.27 -7.47
CA GLN A 127 -5.55 2.62 -7.03
C GLN A 127 -6.56 3.28 -7.96
N VAL A 128 -7.58 3.91 -7.38
CA VAL A 128 -8.61 4.62 -8.14
C VAL A 128 -8.82 6.04 -7.62
N THR A 129 -8.74 7.02 -8.52
CA THR A 129 -8.89 8.43 -8.17
C THR A 129 -10.02 9.06 -8.98
N VAL A 130 -10.96 9.70 -8.30
CA VAL A 130 -12.04 10.42 -9.00
C VAL A 130 -11.70 11.90 -9.08
N SER A 131 -11.67 12.43 -10.30
CA SER A 131 -11.31 13.83 -10.50
C SER A 131 -11.56 14.28 -11.93
N SER A 132 -11.93 15.55 -12.06
CA SER A 132 -12.17 16.14 -13.37
C SER A 132 -10.84 16.55 -13.98
N ALA A 133 -9.80 16.54 -13.14
CA ALA A 133 -8.44 16.83 -13.59
C ALA A 133 -7.97 15.82 -14.62
N SER A 134 -7.13 16.29 -15.54
CA SER A 134 -6.61 15.45 -16.60
C SER A 134 -5.35 14.71 -16.15
N THR A 135 -5.13 13.51 -16.71
CA THR A 135 -3.94 12.74 -16.43
C THR A 135 -2.73 13.43 -17.01
N LYS A 136 -1.60 13.32 -16.32
CA LYS A 136 -0.33 13.81 -16.83
C LYS A 136 0.68 12.70 -16.68
N GLY A 137 1.30 12.31 -17.78
CA GLY A 137 2.34 11.31 -17.75
C GLY A 137 3.58 11.88 -17.08
N PRO A 138 4.36 11.02 -16.41
CA PRO A 138 5.58 11.47 -15.74
C PRO A 138 6.70 11.73 -16.74
N SER A 139 7.63 12.61 -16.37
CA SER A 139 8.90 12.71 -17.06
C SER A 139 9.89 11.88 -16.27
N VAL A 140 10.65 11.05 -16.99
CA VAL A 140 11.61 10.19 -16.32
C VAL A 140 13.03 10.70 -16.52
N PHE A 141 13.79 10.76 -15.43
CA PHE A 141 15.18 11.19 -15.48
C PHE A 141 16.07 10.19 -14.77
N PRO A 142 17.29 10.00 -15.30
CA PRO A 142 18.29 9.12 -14.70
C PRO A 142 19.00 9.79 -13.52
N LEU A 143 19.22 9.02 -12.47
CA LEU A 143 20.02 9.46 -11.33
C LEU A 143 21.33 8.67 -11.31
N ALA A 144 22.33 9.20 -12.01
CA ALA A 144 23.63 8.54 -12.16
C ALA A 144 24.31 8.22 -10.84
N PRO A 145 25.02 7.09 -10.78
CA PRO A 145 25.79 6.70 -9.60
C PRO A 145 27.11 7.46 -9.52
N SER A 146 27.65 7.62 -8.32
CA SER A 146 28.86 8.43 -8.13
C SER A 146 30.02 7.94 -9.00
N GLY A 152 29.75 1.61 0.47
CA GLY A 152 31.07 1.09 0.78
C GLY A 152 31.39 -0.13 -0.07
N GLY A 153 31.94 0.10 -1.25
CA GLY A 153 32.17 -0.97 -2.21
C GLY A 153 30.90 -1.20 -3.00
N THR A 154 29.96 -0.29 -2.83
CA THR A 154 28.67 -0.35 -3.50
C THR A 154 28.28 1.05 -3.98
N ALA A 155 27.37 1.10 -4.96
CA ALA A 155 26.93 2.38 -5.52
C ALA A 155 25.42 2.41 -5.69
N ALA A 156 24.83 3.59 -5.49
CA ALA A 156 23.39 3.74 -5.67
C ALA A 156 23.08 4.56 -6.93
N LEU A 157 22.20 4.02 -7.76
CA LEU A 157 21.73 4.72 -8.94
C LEU A 157 20.23 4.51 -9.04
N GLY A 158 19.54 5.39 -9.74
CA GLY A 158 18.09 5.28 -9.82
C GLY A 158 17.40 6.12 -10.89
N CYS A 159 16.09 6.25 -10.74
CA CYS A 159 15.27 7.02 -11.68
C CYS A 159 14.34 7.97 -10.95
N LEU A 160 14.27 9.20 -11.45
CA LEU A 160 13.31 10.17 -10.95
C LEU A 160 12.09 10.18 -11.87
N VAL A 161 10.92 9.91 -11.28
CA VAL A 161 9.66 9.95 -12.01
C VAL A 161 8.87 11.20 -11.61
N LYS A 162 8.79 12.15 -12.54
CA LYS A 162 8.43 13.53 -12.20
C LYS A 162 7.08 14.01 -12.76
N ASP A 163 6.31 14.67 -11.90
CA ASP A 163 5.07 15.34 -12.28
C ASP A 163 3.94 14.59 -12.97
N TYR A 164 3.45 13.53 -12.33
CA TYR A 164 2.44 12.70 -12.95
C TYR A 164 1.13 12.76 -12.16
N PHE A 165 0.04 12.35 -12.81
CA PHE A 165 -1.26 12.32 -12.14
C PHE A 165 -2.23 11.47 -12.95
N PRO A 166 -2.96 10.58 -12.27
CA PRO A 166 -2.82 10.33 -10.83
C PRO A 166 -1.84 9.19 -10.53
N GLU A 167 -1.83 8.72 -9.29
CA GLU A 167 -1.16 7.48 -8.95
C GLU A 167 -1.82 6.37 -9.76
N PRO A 168 -1.21 5.18 -9.78
CA PRO A 168 0.17 4.97 -9.35
C PRO A 168 1.07 4.72 -10.57
N VAL A 169 2.38 4.72 -10.35
CA VAL A 169 3.32 4.27 -11.37
C VAL A 169 4.09 3.08 -10.83
N THR A 170 4.54 2.21 -11.72
CA THR A 170 5.35 1.06 -11.33
C THR A 170 6.76 1.19 -11.88
N VAL A 171 7.74 0.74 -11.11
CA VAL A 171 9.12 0.76 -11.57
C VAL A 171 9.73 -0.63 -11.45
N SER A 172 10.18 -1.17 -12.58
CA SER A 172 10.95 -2.41 -12.57
C SER A 172 12.34 -2.09 -13.08
N TRP A 173 13.29 -2.95 -12.75
CA TRP A 173 14.66 -2.77 -13.23
C TRP A 173 15.09 -3.95 -14.11
N ASN A 174 15.73 -3.63 -15.22
CA ASN A 174 16.17 -4.65 -16.17
C ASN A 174 15.04 -5.63 -16.46
N SER A 175 13.84 -5.09 -16.65
CA SER A 175 12.68 -5.86 -17.09
C SER A 175 12.19 -6.87 -16.05
N GLY A 176 12.56 -6.65 -14.79
CA GLY A 176 12.18 -7.53 -13.70
C GLY A 176 13.35 -8.34 -13.18
N ALA A 177 14.37 -8.48 -14.02
CA ALA A 177 15.52 -9.33 -13.73
C ALA A 177 16.33 -8.85 -12.53
N LEU A 178 16.20 -7.57 -12.20
CA LEU A 178 16.95 -7.00 -11.09
C LEU A 178 15.99 -6.53 -10.02
N THR A 179 15.96 -7.24 -8.89
CA THR A 179 15.11 -6.86 -7.77
C THR A 179 15.89 -6.78 -6.47
N SER A 180 17.00 -7.51 -6.41
CA SER A 180 17.89 -7.47 -5.25
C SER A 180 18.39 -6.05 -5.02
N GLY A 181 18.04 -5.46 -3.89
CA GLY A 181 18.53 -4.14 -3.51
C GLY A 181 17.78 -2.97 -4.15
N VAL A 182 16.55 -3.21 -4.58
CA VAL A 182 15.73 -2.17 -5.18
C VAL A 182 14.79 -1.53 -4.17
N HIS A 183 14.85 -0.21 -4.08
CA HIS A 183 13.95 0.57 -3.24
C HIS A 183 13.18 1.55 -4.11
N THR A 184 11.89 1.27 -4.34
CA THR A 184 11.02 2.22 -5.01
C THR A 184 10.26 3.03 -3.96
N PHE A 185 10.55 4.33 -3.87
CA PHE A 185 10.02 5.18 -2.81
C PHE A 185 8.58 5.64 -3.04
N PRO A 186 7.77 5.65 -1.98
CA PRO A 186 6.41 6.20 -2.01
C PRO A 186 6.43 7.60 -2.59
N ALA A 187 5.44 7.89 -3.44
CA ALA A 187 5.39 9.17 -4.12
C ALA A 187 5.26 10.33 -3.16
N VAL A 188 5.70 11.50 -3.60
CA VAL A 188 5.46 12.73 -2.87
C VAL A 188 4.29 13.43 -3.57
N LEU A 189 3.36 13.96 -2.77
CA LEU A 189 2.29 14.76 -3.34
C LEU A 189 2.67 16.22 -3.28
N GLN A 190 2.91 16.79 -4.46
CA GLN A 190 3.35 18.16 -4.59
C GLN A 190 2.20 19.13 -4.35
N SER A 191 2.55 20.33 -3.88
CA SER A 191 1.54 21.36 -3.68
C SER A 191 0.97 21.81 -5.03
N SER A 192 1.46 21.21 -6.10
CA SER A 192 0.94 21.46 -7.43
C SER A 192 -0.18 20.48 -7.74
N GLY A 193 -0.31 19.47 -6.88
CA GLY A 193 -1.29 18.41 -7.09
C GLY A 193 -0.72 17.25 -7.90
N LEU A 194 0.52 17.40 -8.34
CA LEU A 194 1.17 16.36 -9.14
C LEU A 194 2.08 15.46 -8.29
N TYR A 195 2.35 14.25 -8.80
CA TYR A 195 3.18 13.30 -8.09
C TYR A 195 4.58 13.15 -8.67
N SER A 196 5.53 12.86 -7.80
CA SER A 196 6.86 12.41 -8.20
C SER A 196 7.21 11.20 -7.35
N LEU A 197 8.17 10.40 -7.83
CA LEU A 197 8.76 9.34 -7.01
C LEU A 197 10.13 8.97 -7.54
N SER A 198 10.92 8.34 -6.69
CA SER A 198 12.24 7.86 -7.08
C SER A 198 12.38 6.37 -6.87
N SER A 199 13.10 5.73 -7.79
CA SER A 199 13.48 4.33 -7.64
C SER A 199 15.00 4.24 -7.63
N VAL A 200 15.54 3.70 -6.55
CA VAL A 200 16.98 3.60 -6.39
C VAL A 200 17.40 2.15 -6.18
N VAL A 201 18.52 1.77 -6.78
CA VAL A 201 19.06 0.43 -6.61
C VAL A 201 20.51 0.49 -6.13
N THR A 202 20.80 -0.27 -5.08
CA THR A 202 22.15 -0.35 -4.57
C THR A 202 22.87 -1.49 -5.28
N VAL A 203 24.01 -1.18 -5.91
CA VAL A 203 24.73 -2.15 -6.73
C VAL A 203 26.19 -2.24 -6.29
N PRO A 204 26.86 -3.36 -6.61
CA PRO A 204 28.31 -3.47 -6.39
C PRO A 204 29.07 -2.51 -7.30
N SER A 205 29.99 -1.74 -6.72
CA SER A 205 30.71 -0.71 -7.48
C SER A 205 31.37 -1.32 -8.72
N SER A 206 32.00 -2.47 -8.52
CA SER A 206 32.74 -3.15 -9.58
C SER A 206 31.92 -3.41 -10.86
N SER A 207 30.60 -3.35 -10.75
CA SER A 207 29.74 -3.63 -11.90
C SER A 207 29.34 -2.40 -12.72
N LEU A 208 29.79 -1.22 -12.30
CA LEU A 208 29.33 0.02 -12.93
C LEU A 208 29.63 0.12 -14.42
N GLY A 209 30.78 -0.40 -14.82
CA GLY A 209 31.15 -0.38 -16.22
C GLY A 209 30.53 -1.54 -16.98
N THR A 210 30.64 -2.74 -16.42
CA THR A 210 30.25 -3.96 -17.11
C THR A 210 28.73 -4.13 -17.29
N GLN A 211 27.99 -4.04 -16.19
CA GLN A 211 26.54 -4.30 -16.22
C GLN A 211 25.72 -3.06 -16.59
N THR A 212 24.65 -3.29 -17.36
CA THR A 212 23.76 -2.22 -17.80
C THR A 212 22.48 -2.16 -16.95
N TYR A 213 22.05 -0.94 -16.61
CA TYR A 213 20.89 -0.74 -15.73
C TYR A 213 19.82 0.16 -16.34
N ILE A 214 18.65 -0.42 -16.60
CA ILE A 214 17.53 0.32 -17.16
C ILE A 214 16.32 0.26 -16.23
N CYS A 215 15.73 1.41 -15.93
CA CYS A 215 14.49 1.41 -15.16
C CYS A 215 13.28 1.45 -16.09
N ASN A 216 12.33 0.57 -15.84
CA ASN A 216 11.11 0.51 -16.64
C ASN A 216 9.93 1.15 -15.92
N VAL A 217 9.55 2.33 -16.38
CA VAL A 217 8.47 3.08 -15.74
C VAL A 217 7.18 2.94 -16.52
N ASN A 218 6.13 2.55 -15.82
CA ASN A 218 4.81 2.51 -16.44
C ASN A 218 3.78 3.29 -15.64
N HIS A 219 3.19 4.30 -16.28
CA HIS A 219 2.09 5.04 -15.70
C HIS A 219 0.86 4.84 -16.56
N LYS A 220 0.07 3.83 -16.22
CA LYS A 220 -1.02 3.35 -17.07
C LYS A 220 -2.12 4.39 -17.37
N PRO A 221 -2.53 5.17 -16.36
CA PRO A 221 -3.61 6.15 -16.56
C PRO A 221 -3.36 7.09 -17.74
N SER A 222 -2.09 7.31 -18.06
CA SER A 222 -1.73 8.21 -19.14
C SER A 222 -1.17 7.42 -20.32
N ASN A 223 -1.09 6.11 -20.15
CA ASN A 223 -0.56 5.24 -21.20
C ASN A 223 0.93 5.48 -21.43
N THR A 224 1.62 5.88 -20.36
CA THR A 224 3.04 6.20 -20.44
C THR A 224 3.92 5.00 -20.09
N LYS A 225 4.70 4.56 -21.07
CA LYS A 225 5.68 3.49 -20.86
C LYS A 225 7.06 4.00 -21.29
N VAL A 226 8.00 4.02 -20.35
CA VAL A 226 9.31 4.59 -20.61
C VAL A 226 10.44 3.73 -20.03
N ASP A 227 11.50 3.55 -20.80
CA ASP A 227 12.71 2.91 -20.31
C ASP A 227 13.82 3.94 -20.20
N LYS A 228 14.46 3.98 -19.04
CA LYS A 228 15.56 4.91 -18.85
C LYS A 228 16.83 4.14 -18.53
N ARG A 229 17.85 4.34 -19.36
CA ARG A 229 19.16 3.77 -19.09
C ARG A 229 19.97 4.76 -18.26
N VAL A 230 20.49 4.29 -17.14
CA VAL A 230 21.25 5.14 -16.23
C VAL A 230 22.65 4.59 -16.01
N GLU A 231 23.64 5.39 -16.36
CA GLU A 231 25.04 5.02 -16.17
C GLU A 231 25.84 6.18 -15.59
N PRO A 232 27.02 5.87 -15.04
CA PRO A 232 27.86 6.87 -14.39
C PRO A 232 28.29 7.94 -15.40
N LYS A 233 28.44 9.18 -14.94
CA LYS A 233 28.80 10.29 -15.82
C LYS A 233 30.23 10.77 -15.60
N SER A 234 30.66 11.74 -16.41
CA SER A 234 31.98 12.36 -16.26
C SER A 234 32.12 13.04 -14.91
N SER B 1 -8.77 1.23 20.15
CA SER B 1 -7.74 2.27 20.32
C SER B 1 -6.37 1.67 20.28
N ASP B 2 -5.45 2.22 19.51
CA ASP B 2 -4.13 1.65 19.29
C ASP B 2 -3.40 1.21 20.51
N ILE B 3 -2.60 0.17 20.40
CA ILE B 3 -1.84 -0.39 21.51
C ILE B 3 -0.37 -0.65 21.18
N SER B 4 0.46 -0.59 22.21
CA SER B 4 1.88 -0.90 22.09
C SER B 4 2.26 -1.88 23.19
N VAL B 5 2.85 -3.01 22.81
CA VAL B 5 3.27 -4.00 23.79
C VAL B 5 4.72 -4.42 23.56
N ALA B 6 5.39 -4.76 24.66
CA ALA B 6 6.76 -5.22 24.61
C ALA B 6 6.81 -6.68 24.20
N PRO B 7 7.84 -7.07 23.44
CA PRO B 7 7.97 -8.43 22.89
C PRO B 7 7.79 -9.51 23.98
N GLY B 8 7.02 -10.54 23.67
CA GLY B 8 6.85 -11.65 24.59
C GLY B 8 5.74 -11.49 25.61
N GLU B 9 5.12 -10.30 25.64
CA GLU B 9 3.86 -10.10 26.34
C GLU B 9 2.73 -10.42 25.36
N THR B 10 1.49 -10.17 25.76
CA THR B 10 0.36 -10.46 24.89
C THR B 10 -0.51 -9.23 24.65
N ALA B 11 -1.10 -9.16 23.45
CA ALA B 11 -1.96 -8.05 23.06
C ALA B 11 -3.40 -8.51 22.98
N ARG B 12 -4.35 -7.66 23.31
CA ARG B 12 -5.73 -7.94 23.11
C ARG B 12 -6.35 -6.79 22.39
N ILE B 13 -7.08 -7.05 21.33
CA ILE B 13 -7.84 -6.06 20.59
C ILE B 13 -9.30 -6.48 20.61
N SER B 14 -10.17 -5.53 20.94
CA SER B 14 -11.61 -5.79 20.98
C SER B 14 -12.30 -5.00 19.87
N CYS B 15 -13.14 -5.69 19.10
CA CYS B 15 -13.75 -5.09 17.93
C CYS B 15 -15.27 -5.27 17.89
N GLY B 16 -15.96 -4.23 17.45
CA GLY B 16 -17.40 -4.28 17.30
C GLY B 16 -18.18 -4.17 18.60
N GLU B 17 -19.50 -4.13 18.47
CA GLU B 17 -20.42 -4.04 19.60
C GLU B 17 -20.63 -5.41 20.24
N LYS B 18 -21.24 -5.42 21.43
CA LYS B 18 -21.50 -6.66 22.15
C LYS B 18 -22.54 -7.50 21.42
N SER B 19 -22.35 -8.81 21.44
CA SER B 19 -23.17 -9.72 20.65
C SER B 19 -24.60 -9.77 21.17
N LEU B 20 -25.51 -10.24 20.32
CA LEU B 20 -26.90 -10.41 20.69
C LEU B 20 -27.22 -11.88 20.56
N GLY B 21 -27.08 -12.40 19.34
CA GLY B 21 -27.28 -13.80 19.07
C GLY B 21 -25.97 -14.53 18.87
N SER B 22 -26.04 -15.63 18.14
CA SER B 22 -24.86 -16.40 17.82
C SER B 22 -24.06 -15.68 16.73
N ARG B 23 -22.75 -15.91 16.73
CA ARG B 23 -21.83 -15.15 15.90
C ARG B 23 -20.89 -16.03 15.07
N ALA B 24 -20.35 -15.44 14.02
CA ALA B 24 -19.21 -16.01 13.30
C ALA B 24 -18.16 -14.99 12.86
N VAL B 25 -17.35 -14.55 13.82
CA VAL B 25 -16.46 -13.41 13.64
C VAL B 25 -15.16 -13.80 12.94
N GLN B 26 -14.83 -13.05 11.89
CA GLN B 26 -13.57 -13.24 11.17
C GLN B 26 -12.60 -12.13 11.55
N TRP B 27 -11.31 -12.46 11.54
CA TRP B 27 -10.27 -11.49 11.88
C TRP B 27 -9.27 -11.32 10.73
N TYR B 28 -8.91 -10.07 10.44
CA TYR B 28 -8.01 -9.78 9.33
C TYR B 28 -6.78 -9.00 9.78
N GLN B 29 -5.63 -9.39 9.28
CA GLN B 29 -4.39 -8.69 9.59
C GLN B 29 -3.90 -7.93 8.37
N HIS B 30 -3.61 -6.65 8.56
CA HIS B 30 -3.12 -5.83 7.45
C HIS B 30 -1.75 -5.25 7.79
N ARG B 31 -0.70 -5.96 7.40
CA ARG B 31 0.66 -5.49 7.61
C ARG B 31 0.93 -4.30 6.70
N ALA B 32 1.88 -3.46 7.10
CA ALA B 32 2.30 -2.34 6.26
C ALA B 32 2.91 -2.84 4.96
N GLY B 33 2.53 -2.22 3.85
CA GLY B 33 3.05 -2.58 2.55
C GLY B 33 2.57 -3.95 2.08
N GLN B 34 1.49 -4.43 2.69
CA GLN B 34 0.93 -5.72 2.30
C GLN B 34 -0.57 -5.71 2.09
N ALA B 35 -1.05 -6.68 1.33
CA ALA B 35 -2.48 -6.92 1.22
C ALA B 35 -2.94 -7.49 2.54
N PRO B 36 -4.22 -7.27 2.88
CA PRO B 36 -4.77 -7.86 4.10
C PRO B 36 -4.81 -9.38 3.97
N SER B 37 -4.74 -10.09 5.10
CA SER B 37 -4.85 -11.54 5.08
C SER B 37 -5.77 -12.03 6.20
N LEU B 38 -6.47 -13.12 5.94
CA LEU B 38 -7.35 -13.72 6.92
C LEU B 38 -6.54 -14.51 7.94
N ILE B 39 -6.75 -14.25 9.23
CA ILE B 39 -6.00 -14.93 10.29
C ILE B 39 -6.89 -15.71 11.25
N ILE B 40 -8.18 -15.37 11.29
CA ILE B 40 -9.15 -16.10 12.11
C ILE B 40 -10.52 -16.09 11.44
N TYR B 41 -11.25 -17.20 11.57
CA TYR B 41 -12.62 -17.29 11.07
C TYR B 41 -13.48 -18.21 11.93
N ASN B 42 -14.79 -18.07 11.79
CA ASN B 42 -15.72 -18.85 12.61
C ASN B 42 -15.27 -18.67 14.06
N ASN B 43 -15.14 -17.41 14.45
CA ASN B 43 -14.83 -17.05 15.83
C ASN B 43 -13.39 -17.31 16.23
N GLN B 44 -12.93 -18.55 16.10
CA GLN B 44 -11.57 -18.90 16.53
C GLN B 44 -10.86 -19.98 15.71
N ASP B 45 -11.34 -20.25 14.50
CA ASP B 45 -10.65 -21.19 13.61
C ASP B 45 -9.50 -20.51 12.89
N ARG B 46 -8.42 -21.27 12.68
CA ARG B 46 -7.18 -20.71 12.12
C ARG B 46 -6.84 -21.29 10.76
N PRO B 47 -6.76 -20.43 9.73
CA PRO B 47 -6.25 -20.92 8.45
C PRO B 47 -4.88 -21.51 8.69
N SER B 48 -4.54 -22.60 7.99
CA SER B 48 -3.23 -23.21 8.13
C SER B 48 -2.17 -22.15 7.86
N GLY B 49 -1.12 -22.15 8.69
CA GLY B 49 -0.09 -21.14 8.56
C GLY B 49 -0.12 -20.12 9.69
N ILE B 50 -1.31 -19.88 10.24
CA ILE B 50 -1.44 -18.97 11.38
C ILE B 50 -1.10 -19.70 12.67
N PRO B 51 -0.10 -19.17 13.41
CA PRO B 51 0.36 -19.77 14.66
C PRO B 51 -0.72 -19.79 15.73
N GLU B 52 -0.61 -20.73 16.66
CA GLU B 52 -1.55 -20.85 17.76
C GLU B 52 -1.60 -19.61 18.66
N ARG B 53 -0.58 -18.76 18.57
CA ARG B 53 -0.49 -17.60 19.47
C ARG B 53 -1.43 -16.48 19.06
N PHE B 54 -2.20 -16.73 18.01
CA PHE B 54 -3.31 -15.87 17.62
C PHE B 54 -4.60 -16.58 17.99
N SER B 55 -5.50 -15.90 18.71
CA SER B 55 -6.77 -16.53 19.08
C SER B 55 -7.94 -15.55 19.16
N GLY B 56 -9.08 -15.97 18.61
CA GLY B 56 -10.31 -15.21 18.71
C GLY B 56 -11.10 -15.70 19.90
N SER B 57 -12.27 -15.11 20.14
CA SER B 57 -13.08 -15.50 21.29
C SER B 57 -14.32 -16.34 20.91
N PRO B 58 -14.87 -17.07 21.88
CA PRO B 58 -16.11 -17.82 21.69
C PRO B 58 -17.29 -16.85 21.56
N ASP B 59 -18.43 -17.34 21.06
CA ASP B 59 -19.61 -16.49 20.96
C ASP B 59 -20.57 -16.76 22.12
N SER B 60 -20.05 -17.45 23.13
CA SER B 60 -20.78 -17.72 24.36
C SER B 60 -19.95 -17.27 25.56
N PRO B 61 -20.59 -16.59 26.53
CA PRO B 61 -22.01 -16.21 26.51
C PRO B 61 -22.26 -15.01 25.61
N PHE B 62 -23.54 -14.67 25.41
CA PHE B 62 -23.87 -13.53 24.57
C PHE B 62 -23.52 -12.23 25.29
N GLY B 63 -23.67 -11.12 24.58
CA GLY B 63 -23.46 -9.80 25.16
C GLY B 63 -21.99 -9.50 25.40
N THR B 64 -21.13 -10.31 24.81
CA THR B 64 -19.70 -10.11 24.94
C THR B 64 -19.12 -9.48 23.66
N THR B 65 -17.86 -9.12 23.70
CA THR B 65 -17.23 -8.44 22.56
C THR B 65 -16.17 -9.31 21.91
N ALA B 66 -16.12 -9.26 20.58
CA ALA B 66 -15.11 -10.01 19.83
C ALA B 66 -13.72 -9.51 20.24
N THR B 67 -12.90 -10.43 20.73
CA THR B 67 -11.56 -10.06 21.19
C THR B 67 -10.50 -10.96 20.57
N LEU B 68 -9.57 -10.33 19.84
CA LEU B 68 -8.43 -11.03 19.28
C LEU B 68 -7.29 -11.00 20.29
N THR B 69 -6.63 -12.14 20.46
CA THR B 69 -5.56 -12.26 21.45
C THR B 69 -4.29 -12.83 20.82
N ILE B 70 -3.21 -12.05 20.88
CA ILE B 70 -1.91 -12.51 20.41
C ILE B 70 -0.94 -12.65 21.57
N THR B 71 -0.48 -13.87 21.82
CA THR B 71 0.54 -14.11 22.84
C THR B 71 1.93 -14.13 22.20
N SER B 72 2.96 -14.08 23.05
CA SER B 72 4.36 -14.11 22.59
C SER B 72 4.59 -13.15 21.41
N VAL B 73 4.16 -11.91 21.59
CA VAL B 73 4.21 -10.91 20.55
C VAL B 73 5.63 -10.73 20.02
N GLU B 74 5.74 -10.62 18.70
CA GLU B 74 7.03 -10.39 18.09
C GLU B 74 6.92 -9.34 16.98
N ALA B 75 8.07 -8.76 16.63
CA ALA B 75 8.11 -7.63 15.71
C ALA B 75 7.20 -7.79 14.51
N GLY B 76 7.14 -8.99 13.95
CA GLY B 76 6.37 -9.24 12.74
C GLY B 76 4.88 -9.08 12.93
N ASP B 77 4.46 -8.93 14.19
CA ASP B 77 3.05 -8.83 14.55
C ASP B 77 2.52 -7.40 14.38
N GLU B 78 3.41 -6.48 14.04
CA GLU B 78 2.99 -5.10 13.82
C GLU B 78 2.18 -4.79 12.58
N ALA B 79 0.89 -4.58 12.79
CA ALA B 79 -0.06 -4.45 11.70
C ALA B 79 -1.33 -3.82 12.21
N ASP B 80 -2.28 -3.59 11.31
CA ASP B 80 -3.59 -3.11 11.69
C ASP B 80 -4.52 -4.32 11.74
N TYR B 81 -5.40 -4.38 12.74
CA TYR B 81 -6.26 -5.55 12.93
C TYR B 81 -7.76 -5.24 12.88
N TYR B 82 -8.45 -5.83 11.91
CA TYR B 82 -9.89 -5.63 11.75
C TYR B 82 -10.66 -6.90 12.09
N CYS B 83 -11.95 -6.75 12.33
CA CYS B 83 -12.82 -7.92 12.48
C CYS B 83 -14.04 -7.79 11.58
N HIS B 84 -14.61 -8.93 11.23
CA HIS B 84 -15.85 -8.96 10.49
C HIS B 84 -16.83 -9.79 11.30
N ILE B 85 -17.78 -9.13 11.94
CA ILE B 85 -18.72 -9.81 12.82
C ILE B 85 -20.05 -10.14 12.13
N TRP B 86 -20.44 -11.39 12.25
CA TRP B 86 -21.73 -11.86 11.75
C TRP B 86 -22.60 -12.28 12.93
N ASP B 87 -23.73 -11.59 13.11
CA ASP B 87 -24.59 -11.86 14.26
C ASP B 87 -26.02 -12.27 13.86
N SER B 88 -26.43 -13.45 14.31
CA SER B 88 -27.73 -14.02 13.96
C SER B 88 -28.91 -13.09 14.25
N ARG B 89 -28.70 -12.08 15.08
CA ARG B 89 -29.78 -11.17 15.48
C ARG B 89 -29.61 -9.78 14.89
N VAL B 90 -28.58 -9.60 14.06
CA VAL B 90 -28.31 -8.29 13.48
C VAL B 90 -28.11 -8.39 11.98
N PRO B 91 -28.59 -7.39 11.23
CA PRO B 91 -28.37 -7.38 9.78
C PRO B 91 -26.88 -7.33 9.40
N THR B 92 -26.55 -8.02 8.30
CA THR B 92 -25.17 -8.13 7.82
C THR B 92 -24.38 -6.81 7.78
N LYS B 93 -23.15 -6.86 8.28
CA LYS B 93 -22.29 -5.69 8.37
C LYS B 93 -21.29 -5.63 7.21
N TRP B 94 -21.35 -4.58 6.41
CA TRP B 94 -20.53 -4.46 5.20
C TRP B 94 -19.21 -3.74 5.39
N VAL B 95 -19.12 -2.91 6.42
CA VAL B 95 -17.86 -2.26 6.77
C VAL B 95 -17.15 -3.11 7.82
N PHE B 96 -15.84 -3.30 7.66
CA PHE B 96 -15.06 -4.01 8.68
C PHE B 96 -14.95 -3.15 9.95
N GLY B 97 -14.86 -3.81 11.10
CA GLY B 97 -14.66 -3.11 12.36
C GLY B 97 -13.20 -3.16 12.77
N GLY B 98 -12.82 -2.26 13.68
CA GLY B 98 -11.46 -2.21 14.18
C GLY B 98 -10.50 -1.44 13.28
N GLY B 99 -9.31 -2.00 13.09
CA GLY B 99 -8.25 -1.30 12.39
C GLY B 99 -7.22 -0.81 13.39
N THR B 100 -7.35 -1.30 14.62
CA THR B 100 -6.40 -0.99 15.68
C THR B 100 -4.99 -1.38 15.26
N THR B 101 -4.05 -0.45 15.40
CA THR B 101 -2.64 -0.71 15.09
C THR B 101 -1.96 -1.32 16.30
N LEU B 102 -1.14 -2.35 16.07
CA LEU B 102 -0.31 -2.93 17.12
C LEU B 102 1.15 -2.53 16.90
N THR B 103 1.68 -1.77 17.85
CA THR B 103 3.09 -1.41 17.87
C THR B 103 3.81 -2.35 18.80
N VAL B 104 4.88 -2.98 18.31
CA VAL B 104 5.72 -3.83 19.16
C VAL B 104 6.92 -3.04 19.65
N LEU B 105 6.90 -2.65 20.92
CA LEU B 105 7.97 -1.84 21.50
C LEU B 105 9.31 -2.55 21.51
N GLY B 106 10.38 -1.77 21.58
CA GLY B 106 11.71 -2.33 21.81
C GLY B 106 12.40 -2.93 20.61
N GLN B 107 11.95 -2.57 19.41
CA GLN B 107 12.70 -2.97 18.22
C GLN B 107 13.97 -2.15 18.19
N PRO B 108 15.03 -2.71 17.59
CA PRO B 108 16.31 -1.99 17.55
C PRO B 108 16.22 -0.75 16.68
N LYS B 109 16.91 0.32 17.07
CA LYS B 109 16.98 1.51 16.24
C LYS B 109 17.72 1.19 14.94
N ALA B 110 17.28 1.81 13.85
CA ALA B 110 17.97 1.69 12.58
C ALA B 110 18.25 3.09 12.02
N ALA B 111 19.52 3.37 11.75
CA ALA B 111 19.93 4.66 11.22
C ALA B 111 19.53 4.79 9.75
N PRO B 112 19.07 5.98 9.34
CA PRO B 112 18.66 6.19 7.95
C PRO B 112 19.82 6.02 6.97
N SER B 113 19.53 5.42 5.82
CA SER B 113 20.48 5.35 4.72
C SER B 113 20.13 6.49 3.76
N VAL B 114 21.01 7.49 3.69
CA VAL B 114 20.71 8.71 2.95
C VAL B 114 21.49 8.87 1.65
N THR B 115 20.75 9.06 0.55
CA THR B 115 21.38 9.24 -0.75
C THR B 115 20.88 10.49 -1.45
N LEU B 116 21.81 11.40 -1.75
CA LEU B 116 21.48 12.67 -2.37
C LEU B 116 21.98 12.75 -3.81
N PHE B 117 21.05 12.88 -4.75
CA PHE B 117 21.39 13.02 -6.17
C PHE B 117 21.27 14.46 -6.63
N PRO B 118 22.19 14.89 -7.50
CA PRO B 118 22.06 16.20 -8.15
C PRO B 118 21.11 16.09 -9.34
N PRO B 119 20.74 17.23 -9.94
CA PRO B 119 19.85 17.21 -11.11
C PRO B 119 20.58 16.65 -12.33
N SER B 120 19.85 15.94 -13.18
CA SER B 120 20.43 15.25 -14.32
C SER B 120 20.67 16.20 -15.49
N SER B 121 21.53 15.79 -16.41
CA SER B 121 21.80 16.58 -17.61
C SER B 121 20.51 16.76 -18.40
N GLU B 122 19.68 15.72 -18.42
CA GLU B 122 18.43 15.77 -19.16
C GLU B 122 17.48 16.79 -18.56
N GLU B 123 17.32 16.75 -17.24
CA GLU B 123 16.44 17.70 -16.59
C GLU B 123 16.98 19.12 -16.73
N LEU B 124 18.28 19.29 -16.55
CA LEU B 124 18.90 20.60 -16.73
C LEU B 124 18.70 21.07 -18.16
N GLN B 125 18.71 20.13 -19.10
CA GLN B 125 18.47 20.43 -20.51
C GLN B 125 17.04 20.84 -20.80
N ALA B 126 16.11 20.43 -19.93
CA ALA B 126 14.72 20.81 -20.08
C ALA B 126 14.52 22.06 -19.21
N ASN B 127 15.62 22.79 -18.99
CA ASN B 127 15.59 24.02 -18.19
C ASN B 127 14.89 23.86 -16.84
N LYS B 128 15.24 22.81 -16.12
CA LYS B 128 14.72 22.54 -14.79
C LYS B 128 15.78 21.87 -13.94
N ALA B 129 15.56 21.82 -12.62
CA ALA B 129 16.56 21.26 -11.72
C ALA B 129 15.95 20.77 -10.39
N THR B 130 16.21 19.51 -10.09
CA THR B 130 15.69 18.89 -8.87
C THR B 130 16.75 18.07 -8.12
N LEU B 131 17.05 18.52 -6.90
CA LEU B 131 17.85 17.72 -5.97
C LEU B 131 17.00 16.62 -5.37
N VAL B 132 17.53 15.40 -5.34
CA VAL B 132 16.78 14.24 -4.85
C VAL B 132 17.45 13.62 -3.63
N CYS B 133 16.76 13.67 -2.48
CA CYS B 133 17.29 13.11 -1.24
C CYS B 133 16.48 11.92 -0.77
N LEU B 134 17.10 10.74 -0.79
CA LEU B 134 16.40 9.50 -0.42
C LEU B 134 16.84 8.99 0.95
N ILE B 135 15.84 8.64 1.77
CA ILE B 135 16.04 8.28 3.16
C ILE B 135 15.33 6.97 3.45
N SER B 136 16.09 5.91 3.74
CA SER B 136 15.47 4.60 3.84
C SER B 136 15.88 3.75 5.03
N ASP B 137 15.11 2.70 5.30
CA ASP B 137 15.43 1.69 6.30
C ASP B 137 15.83 2.31 7.63
N PHE B 138 15.01 3.22 8.13
CA PHE B 138 15.27 3.82 9.44
C PHE B 138 14.14 3.51 10.42
N TYR B 139 14.48 3.35 11.69
CA TYR B 139 13.51 3.12 12.74
C TYR B 139 14.06 3.69 14.04
N PRO B 140 13.23 4.37 14.83
CA PRO B 140 11.80 4.67 14.62
C PRO B 140 11.54 5.53 13.38
N GLY B 141 10.28 5.86 13.15
CA GLY B 141 9.86 6.50 11.91
C GLY B 141 9.87 8.01 11.87
N ALA B 142 10.22 8.64 12.99
CA ALA B 142 10.23 10.09 13.05
C ALA B 142 11.54 10.67 12.52
N VAL B 143 11.43 11.57 11.54
CA VAL B 143 12.61 12.18 10.93
C VAL B 143 12.31 13.63 10.54
N THR B 144 13.35 14.45 10.51
CA THR B 144 13.22 15.81 9.99
C THR B 144 14.32 16.08 8.96
N VAL B 145 13.96 16.79 7.89
CA VAL B 145 14.88 17.03 6.77
C VAL B 145 15.05 18.52 6.51
N ALA B 146 16.31 18.97 6.48
CA ALA B 146 16.61 20.37 6.19
C ALA B 146 17.53 20.47 4.98
N TRP B 147 17.31 21.49 4.16
CA TRP B 147 18.12 21.73 2.97
C TRP B 147 19.00 22.97 3.14
N LYS B 148 20.18 22.95 2.54
CA LYS B 148 21.13 24.05 2.63
C LYS B 148 21.71 24.43 1.28
N ALA B 149 21.64 25.71 0.94
CA ALA B 149 22.40 26.25 -0.19
C ALA B 149 23.69 26.82 0.35
N ASP B 150 24.80 26.16 0.06
CA ASP B 150 26.05 26.42 0.75
C ASP B 150 25.69 26.25 2.22
N SER B 151 25.74 27.33 2.99
CA SER B 151 25.52 27.22 4.42
C SER B 151 24.17 27.85 4.82
N SER B 152 23.50 28.49 3.87
CA SER B 152 22.20 29.10 4.11
C SER B 152 21.08 28.05 4.05
N PRO B 153 20.22 28.03 5.08
CA PRO B 153 19.08 27.11 5.12
C PRO B 153 18.03 27.46 4.05
N VAL B 154 17.44 26.44 3.44
CA VAL B 154 16.48 26.63 2.35
C VAL B 154 15.16 25.95 2.66
N LYS B 155 14.07 26.68 2.71
CA LYS B 155 12.78 26.09 2.93
C LYS B 155 11.91 26.20 1.70
N ALA B 156 12.14 27.22 0.92
CA ALA B 156 11.42 27.37 -0.34
C ALA B 156 11.77 26.31 -1.38
N GLY B 157 10.73 25.69 -1.97
CA GLY B 157 10.91 24.76 -3.07
C GLY B 157 11.06 23.31 -2.63
N VAL B 158 10.84 23.07 -1.34
CA VAL B 158 11.04 21.74 -0.77
C VAL B 158 9.72 20.96 -0.68
N GLU B 159 9.76 19.71 -1.11
CA GLU B 159 8.65 18.78 -0.96
C GLU B 159 9.16 17.55 -0.22
N THR B 160 8.66 17.32 0.98
CA THR B 160 9.14 16.19 1.79
C THR B 160 8.01 15.25 2.19
N THR B 161 8.19 13.95 1.92
CA THR B 161 7.15 12.96 2.22
C THR B 161 7.02 12.68 3.71
N THR B 162 5.84 12.21 4.10
CA THR B 162 5.66 11.63 5.43
C THR B 162 6.26 10.24 5.41
N PRO B 163 7.00 9.89 6.47
CA PRO B 163 7.60 8.56 6.59
C PRO B 163 6.53 7.49 6.44
N SER B 164 6.82 6.44 5.68
CA SER B 164 5.88 5.35 5.53
C SER B 164 6.50 4.02 5.93
N LYS B 165 5.79 3.29 6.77
CA LYS B 165 6.27 2.03 7.29
C LYS B 165 6.35 0.99 6.18
N GLN B 166 7.50 0.30 6.11
CA GLN B 166 7.69 -0.75 5.12
C GLN B 166 7.26 -2.09 5.68
N SER B 167 7.41 -3.14 4.88
CA SER B 167 7.03 -4.48 5.30
C SER B 167 7.93 -4.95 6.44
N ASN B 168 9.20 -4.58 6.39
CA ASN B 168 10.17 -4.98 7.40
C ASN B 168 10.10 -4.12 8.65
N ASN B 169 9.01 -3.38 8.82
CA ASN B 169 8.82 -2.54 10.00
C ASN B 169 9.72 -1.33 10.13
N LYS B 170 10.43 -0.98 9.05
CA LYS B 170 11.31 0.19 9.07
C LYS B 170 10.55 1.19 8.22
N TYR B 171 11.08 2.41 8.13
CA TYR B 171 10.42 3.47 7.39
C TYR B 171 11.23 3.96 6.20
N ALA B 172 10.56 4.59 5.25
CA ALA B 172 11.22 5.25 4.13
C ALA B 172 10.67 6.65 3.99
N ALA B 173 11.48 7.55 3.45
CA ALA B 173 11.05 8.92 3.18
C ALA B 173 11.95 9.50 2.09
N SER B 174 11.52 10.63 1.53
CA SER B 174 12.29 11.29 0.49
C SER B 174 11.96 12.78 0.47
N SER B 175 12.92 13.57 -0.01
CA SER B 175 12.75 15.01 -0.05
C SER B 175 13.32 15.58 -1.36
N TYR B 176 12.63 16.57 -1.90
CA TYR B 176 12.97 17.17 -3.18
C TYR B 176 13.17 18.66 -3.04
N LEU B 177 14.20 19.19 -3.68
CA LEU B 177 14.39 20.64 -3.76
C LEU B 177 14.35 21.06 -5.22
N SER B 178 13.32 21.81 -5.59
CA SER B 178 13.23 22.31 -6.96
C SER B 178 14.02 23.60 -7.13
N LEU B 179 14.94 23.58 -8.10
CA LEU B 179 15.76 24.74 -8.43
C LEU B 179 15.54 25.14 -9.86
N THR B 180 15.95 26.36 -10.20
CA THR B 180 16.19 26.74 -11.58
C THR B 180 17.65 26.41 -11.83
N PRO B 181 17.98 26.02 -13.07
CA PRO B 181 19.38 25.71 -13.37
C PRO B 181 20.31 26.82 -12.86
N GLU B 182 19.88 28.06 -12.97
CA GLU B 182 20.72 29.19 -12.57
C GLU B 182 20.92 29.27 -11.05
N GLN B 183 19.88 28.94 -10.28
CA GLN B 183 20.00 28.85 -8.82
C GLN B 183 20.92 27.68 -8.42
N TRP B 184 20.71 26.54 -9.05
CA TRP B 184 21.50 25.34 -8.75
C TRP B 184 23.01 25.61 -8.91
N LYS B 185 23.36 26.43 -9.90
CA LYS B 185 24.74 26.72 -10.23
C LYS B 185 25.31 27.92 -9.47
N SER B 186 24.43 28.69 -8.83
CA SER B 186 24.85 29.91 -8.16
C SER B 186 25.53 29.64 -6.81
N HIS B 187 24.91 28.86 -5.94
CA HIS B 187 25.60 28.49 -4.71
C HIS B 187 26.67 27.45 -5.01
N ARG B 188 27.71 27.45 -4.19
CA ARG B 188 28.86 26.59 -4.42
C ARG B 188 28.57 25.12 -4.16
N SER B 189 27.55 24.85 -3.34
CA SER B 189 27.12 23.48 -3.08
C SER B 189 25.75 23.45 -2.39
N TYR B 190 25.12 22.28 -2.38
CA TYR B 190 23.87 22.06 -1.67
C TYR B 190 23.92 20.82 -0.81
N SER B 191 23.24 20.88 0.33
CA SER B 191 23.29 19.81 1.31
C SER B 191 21.90 19.35 1.70
N CYS B 192 21.80 18.07 2.05
CA CYS B 192 20.56 17.51 2.57
C CYS B 192 20.81 16.96 3.97
N GLN B 193 20.19 17.58 4.96
CA GLN B 193 20.40 17.18 6.34
C GLN B 193 19.22 16.41 6.92
N VAL B 194 19.48 15.16 7.30
CA VAL B 194 18.45 14.30 7.87
C VAL B 194 18.73 14.02 9.35
N THR B 195 17.79 14.41 10.20
CA THR B 195 17.92 14.19 11.64
C THR B 195 17.01 13.07 12.13
N HIS B 196 17.61 12.09 12.81
CA HIS B 196 16.89 10.92 13.29
C HIS B 196 17.45 10.47 14.64
N GLU B 197 16.60 10.46 15.66
CA GLU B 197 17.02 9.99 16.97
C GLU B 197 18.31 10.65 17.46
N GLY B 198 18.36 11.98 17.36
CA GLY B 198 19.46 12.74 17.93
C GLY B 198 20.72 12.80 17.10
N SER B 199 20.64 12.29 15.87
CA SER B 199 21.77 12.34 14.95
C SER B 199 21.35 12.97 13.63
N THR B 200 22.24 13.80 13.09
CA THR B 200 21.99 14.47 11.82
C THR B 200 23.03 14.06 10.76
N VAL B 201 22.57 13.48 9.67
CA VAL B 201 23.45 13.08 8.58
C VAL B 201 23.41 14.15 7.50
N GLU B 202 24.57 14.51 6.99
CA GLU B 202 24.65 15.50 5.92
C GLU B 202 25.25 14.90 4.66
N LYS B 203 24.51 15.01 3.55
CA LYS B 203 25.02 14.62 2.25
C LYS B 203 25.11 15.87 1.38
N THR B 204 26.16 15.96 0.57
CA THR B 204 26.43 17.18 -0.17
C THR B 204 26.72 16.92 -1.64
N VAL B 205 26.27 17.85 -2.48
CA VAL B 205 26.51 17.77 -3.91
C VAL B 205 26.88 19.14 -4.44
N ALA B 206 27.71 19.18 -5.47
CA ALA B 206 28.16 20.45 -6.03
C ALA B 206 28.11 20.38 -7.54
N PRO B 207 27.92 21.54 -8.18
CA PRO B 207 27.96 21.60 -9.66
C PRO B 207 29.41 21.73 -10.17
#